data_7N09
#
_entry.id   7N09
#
_cell.length_a   128.542
_cell.length_b   54.942
_cell.length_c   89.270
_cell.angle_alpha   90.000
_cell.angle_beta   131.039
_cell.angle_gamma   90.000
#
_symmetry.space_group_name_H-M   'C 1 2 1'
#
loop_
_entity.id
_entity.type
_entity.pdbx_description
1 polymer '3-hydroxyacyl-CoA dehydrogenase type-2'
2 non-polymer NICOTINAMIDE-ADENINE-DINUCLEOTIDE
3 water water
#
_entity_poly.entity_id   1
_entity_poly.type   'polypeptide(L)'
_entity_poly.pdbx_seq_one_letter_code
;MASSHHHHHHLEVLFQGPSALRSTKGLVALVTGGASGLGRGAAENLLKHGAKVAILDLPSSAGAEVAKELGGDCIFTPAS
VTAASEVKSALADVKKKFGRLDVAVNCAGIAYSFKLFNVKKKKLCDLESVRKTLDVNVMGYFTVAAHAAELFAENEKDEM
GQRGVIINTASIAAFDGQAGQSAYSASKGAIVGMTLPLARDFADDGIRVVTIAPGIFDTPMMASFPDKVRNFLIGLVPNP
KRFGVPEEYGALVRHIIENRYLNGEVIRLDGALRMPA
;
_entity_poly.pdbx_strand_id   A,B
#
loop_
_chem_comp.id
_chem_comp.type
_chem_comp.name
_chem_comp.formula
NAD non-polymer NICOTINAMIDE-ADENINE-DINUCLEOTIDE 'C21 H27 N7 O14 P2'
#
# COMPACT_ATOMS: atom_id res chain seq x y z
N SER A 19 9.50 -14.45 12.08
CA SER A 19 8.62 -13.64 11.24
C SER A 19 9.41 -12.84 10.22
N ALA A 20 8.81 -12.69 9.03
CA ALA A 20 9.43 -11.90 7.97
C ALA A 20 9.19 -10.40 8.16
N LEU A 21 8.31 -10.03 9.07
CA LEU A 21 8.05 -8.62 9.37
C LEU A 21 8.79 -8.23 10.64
N ARG A 22 9.54 -7.15 10.56
CA ARG A 22 10.32 -6.73 11.72
C ARG A 22 9.53 -5.78 12.59
N SER A 23 9.99 -5.66 13.83
CA SER A 23 9.51 -4.66 14.76
C SER A 23 10.09 -3.29 14.44
N THR A 24 9.34 -2.25 14.81
CA THR A 24 9.85 -0.88 14.71
C THR A 24 10.75 -0.50 15.90
N LYS A 25 10.69 -1.27 16.99
CA LYS A 25 11.39 -0.94 18.21
C LYS A 25 12.88 -0.82 17.96
N GLY A 26 13.46 0.32 18.35
CA GLY A 26 14.88 0.56 18.18
C GLY A 26 15.29 1.16 16.85
N LEU A 27 14.40 1.17 15.87
CA LEU A 27 14.73 1.78 14.59
C LEU A 27 14.84 3.30 14.72
N VAL A 28 15.80 3.88 14.02
CA VAL A 28 16.04 5.33 14.08
C VAL A 28 15.51 5.95 12.80
N ALA A 29 14.55 6.87 12.93
CA ALA A 29 13.86 7.45 11.79
C ALA A 29 14.00 8.97 11.81
N LEU A 30 14.35 9.53 10.67
CA LEU A 30 14.28 10.98 10.45
C LEU A 30 13.01 11.30 9.67
N VAL A 31 12.22 12.24 10.17
CA VAL A 31 10.97 12.65 9.53
C VAL A 31 11.07 14.14 9.21
N THR A 32 11.19 14.49 7.93
CA THR A 32 11.15 15.90 7.56
C THR A 32 9.71 16.40 7.61
N GLY A 33 9.55 17.69 7.86
CA GLY A 33 8.24 18.23 8.14
C GLY A 33 7.60 17.72 9.42
N GLY A 34 8.40 17.12 10.30
CA GLY A 34 7.91 16.40 11.46
C GLY A 34 7.26 17.26 12.54
N ALA A 35 7.29 18.58 12.41
CA ALA A 35 6.66 19.41 13.44
C ALA A 35 5.17 19.60 13.23
N SER A 36 4.64 19.04 12.08
CA SER A 36 3.27 19.35 11.71
C SER A 36 2.65 18.20 10.92
N GLY A 37 1.32 18.15 10.97
CA GLY A 37 0.55 17.38 9.99
C GLY A 37 0.99 15.94 9.85
N LEU A 38 1.25 15.53 8.61
CA LEU A 38 1.57 14.13 8.33
C LEU A 38 2.93 13.75 8.90
N GLY A 39 3.93 14.61 8.75
CA GLY A 39 5.23 14.31 9.34
C GLY A 39 5.14 14.05 10.83
N ARG A 40 4.42 14.92 11.55
CA ARG A 40 4.19 14.70 12.97
C ARG A 40 3.40 13.42 13.21
N GLY A 41 2.46 13.10 12.32
CA GLY A 41 1.72 11.86 12.43
C GLY A 41 2.64 10.65 12.35
N ALA A 42 3.55 10.66 11.37
CA ALA A 42 4.53 9.58 11.26
C ALA A 42 5.45 9.54 12.46
N ALA A 43 5.90 10.72 12.93
CA ALA A 43 6.79 10.75 14.09
C ALA A 43 6.13 10.12 15.31
N GLU A 44 4.87 10.47 15.59
CA GLU A 44 4.20 9.94 16.77
C GLU A 44 3.97 8.44 16.66
N ASN A 45 3.57 7.96 15.48
CA ASN A 45 3.31 6.54 15.30
C ASN A 45 4.59 5.72 15.51
N LEU A 46 5.71 6.16 14.92
CA LEU A 46 6.95 5.41 15.10
C LEU A 46 7.43 5.45 16.55
N LEU A 47 7.34 6.61 17.19
CA LEU A 47 7.71 6.74 18.60
C LEU A 47 6.88 5.80 19.47
N LYS A 48 5.57 5.72 19.22
CA LYS A 48 4.71 4.86 20.02
C LYS A 48 5.03 3.39 19.80
N HIS A 49 5.67 3.03 18.70
CA HIS A 49 6.06 1.65 18.48
C HIS A 49 7.55 1.43 18.69
N GLY A 50 8.21 2.31 19.45
CA GLY A 50 9.55 2.06 19.94
C GLY A 50 10.69 2.60 19.10
N ALA A 51 10.40 3.41 18.08
CA ALA A 51 11.48 3.98 17.29
C ALA A 51 12.10 5.18 18.00
N LYS A 52 13.36 5.46 17.63
CA LYS A 52 13.96 6.76 17.88
C LYS A 52 13.67 7.65 16.68
N VAL A 53 13.13 8.84 16.91
CA VAL A 53 12.68 9.71 15.83
C VAL A 53 13.32 11.07 15.97
N ALA A 54 13.92 11.55 14.89
CA ALA A 54 14.38 12.93 14.77
C ALA A 54 13.45 13.64 13.80
N ILE A 55 12.84 14.72 14.25
CA ILE A 55 12.01 15.53 13.37
C ILE A 55 12.88 16.65 12.80
N LEU A 56 12.90 16.74 11.47
CA LEU A 56 13.61 17.80 10.75
C LEU A 56 12.59 18.78 10.21
N ASP A 57 12.72 20.04 10.59
CA ASP A 57 11.74 21.05 10.24
C ASP A 57 12.40 22.40 10.41
N LEU A 58 11.68 23.47 10.01
CA LEU A 58 12.28 24.80 9.96
C LEU A 58 12.43 25.41 11.37
N PRO A 59 13.48 26.20 11.60
CA PRO A 59 13.59 26.93 12.88
C PRO A 59 12.35 27.73 13.23
N SER A 60 11.61 28.23 12.24
CA SER A 60 10.37 28.96 12.49
C SER A 60 9.21 28.05 12.88
N SER A 61 9.35 26.73 12.73
CA SER A 61 8.27 25.83 13.11
C SER A 61 8.24 25.66 14.62
N ALA A 62 7.27 24.90 15.11
CA ALA A 62 7.16 24.54 16.52
C ALA A 62 7.90 23.23 16.83
N GLY A 63 8.96 22.92 16.07
CA GLY A 63 9.62 21.63 16.19
C GLY A 63 10.19 21.35 17.57
N ALA A 64 10.77 22.37 18.20
CA ALA A 64 11.35 22.17 19.54
C ALA A 64 10.27 21.73 20.53
N GLU A 65 9.18 22.48 20.58
CA GLU A 65 8.07 22.16 21.51
C GLU A 65 7.45 20.81 21.17
N VAL A 66 7.34 20.49 19.88
CA VAL A 66 6.71 19.21 19.46
C VAL A 66 7.60 18.06 19.87
N ALA A 67 8.90 18.21 19.74
CA ALA A 67 9.79 17.13 20.13
C ALA A 67 9.82 16.95 21.64
N LYS A 68 9.63 18.05 22.38
CA LYS A 68 9.47 17.95 23.83
C LYS A 68 8.21 17.17 24.19
N GLU A 69 7.07 17.55 23.58
CA GLU A 69 5.83 16.80 23.75
C GLU A 69 6.04 15.30 23.53
N LEU A 70 6.73 14.95 22.45
CA LEU A 70 6.84 13.56 22.03
C LEU A 70 7.85 12.77 22.86
N GLY A 71 8.62 13.43 23.71
CA GLY A 71 9.36 12.73 24.74
C GLY A 71 10.82 12.49 24.42
N GLY A 72 11.45 11.71 25.30
CA GLY A 72 12.90 11.55 25.29
C GLY A 72 13.45 10.79 24.09
N ASP A 73 12.62 10.05 23.38
CA ASP A 73 13.09 9.35 22.20
C ASP A 73 12.99 10.19 20.93
N CYS A 74 12.65 11.47 21.07
CA CYS A 74 12.47 12.37 19.95
C CYS A 74 13.41 13.55 20.08
N ILE A 75 14.11 13.89 19.00
CA ILE A 75 14.90 15.12 18.94
C ILE A 75 14.42 15.95 17.78
N PHE A 76 14.69 17.26 17.85
CA PHE A 76 14.41 18.21 16.79
C PHE A 76 15.73 18.64 16.17
N THR A 77 15.90 18.38 14.87
CA THR A 77 17.07 18.85 14.15
C THR A 77 16.62 19.96 13.20
N PRO A 78 16.83 21.23 13.55
CA PRO A 78 16.40 22.32 12.67
C PRO A 78 17.23 22.36 11.39
N ALA A 79 16.53 22.58 10.27
CA ALA A 79 17.15 22.61 8.95
C ALA A 79 16.10 22.92 7.90
N SER A 80 16.51 23.52 6.79
CA SER A 80 15.67 23.64 5.61
C SER A 80 16.13 22.59 4.61
N VAL A 81 15.17 21.82 4.09
CA VAL A 81 15.51 20.75 3.16
C VAL A 81 16.10 21.30 1.87
N THR A 82 15.92 22.60 1.59
CA THR A 82 16.53 23.22 0.41
C THR A 82 17.99 23.56 0.61
N ALA A 83 18.54 23.34 1.81
CA ALA A 83 19.90 23.74 2.17
C ALA A 83 20.71 22.48 2.45
N ALA A 84 21.49 22.05 1.46
CA ALA A 84 22.22 20.79 1.57
C ALA A 84 23.11 20.74 2.81
N SER A 85 23.76 21.87 3.15
CA SER A 85 24.67 21.87 4.30
C SER A 85 23.89 21.70 5.60
N GLU A 86 22.68 22.26 5.68
CA GLU A 86 21.88 22.11 6.88
C GLU A 86 21.35 20.69 7.01
N VAL A 87 20.99 20.06 5.89
CA VAL A 87 20.51 18.69 5.93
C VAL A 87 21.61 17.74 6.36
N LYS A 88 22.81 17.93 5.80
CA LYS A 88 23.96 17.12 6.20
C LYS A 88 24.24 17.29 7.70
N SER A 89 24.21 18.53 8.17
CA SER A 89 24.42 18.81 9.59
C SER A 89 23.36 18.15 10.46
N ALA A 90 22.09 18.26 10.07
CA ALA A 90 21.01 17.65 10.84
C ALA A 90 21.20 16.14 10.94
N LEU A 91 21.54 15.50 9.82
CA LEU A 91 21.71 14.05 9.83
C LEU A 91 22.94 13.62 10.63
N ALA A 92 24.00 14.44 10.64
CA ALA A 92 25.12 14.16 11.54
C ALA A 92 24.66 14.20 12.99
N ASP A 93 23.76 15.13 13.33
CA ASP A 93 23.23 15.18 14.68
C ASP A 93 22.46 13.91 15.01
N VAL A 94 21.66 13.42 14.05
CA VAL A 94 20.94 12.16 14.25
C VAL A 94 21.91 11.03 14.55
N LYS A 95 23.00 10.96 13.77
CA LYS A 95 24.00 9.92 13.98
C LYS A 95 24.69 10.06 15.33
N LYS A 96 25.03 11.28 15.72
CA LYS A 96 25.63 11.50 17.03
C LYS A 96 24.71 11.06 18.16
N LYS A 97 23.43 11.42 18.06
CA LYS A 97 22.48 11.15 19.13
C LYS A 97 22.07 9.67 19.17
N PHE A 98 21.65 9.10 18.03
CA PHE A 98 21.12 7.74 18.02
C PHE A 98 22.04 6.69 17.41
N GLY A 99 23.19 7.07 16.86
CA GLY A 99 24.19 6.10 16.45
C GLY A 99 24.08 5.58 15.03
N ARG A 100 22.95 5.76 14.36
CA ARG A 100 22.73 5.22 13.02
C ARG A 100 21.44 5.83 12.51
N LEU A 101 21.12 5.53 11.24
CA LEU A 101 19.83 5.87 10.65
C LEU A 101 19.27 4.65 9.92
N ASP A 102 17.99 4.36 10.17
CA ASP A 102 17.33 3.24 9.51
C ASP A 102 16.27 3.66 8.50
N VAL A 103 15.68 4.84 8.68
CA VAL A 103 14.48 5.26 7.96
C VAL A 103 14.55 6.76 7.73
N ALA A 104 14.24 7.19 6.52
CA ALA A 104 14.06 8.61 6.24
C ALA A 104 12.69 8.81 5.60
N VAL A 105 11.88 9.68 6.20
CA VAL A 105 10.56 10.01 5.68
C VAL A 105 10.62 11.42 5.11
N ASN A 106 10.53 11.52 3.80
CA ASN A 106 10.46 12.82 3.10
C ASN A 106 9.01 13.27 3.19
N CYS A 107 8.74 14.29 3.99
CA CYS A 107 7.34 14.68 4.17
C CYS A 107 7.16 16.19 3.99
N ALA A 108 8.18 16.98 4.28
CA ALA A 108 8.09 18.44 4.15
C ALA A 108 7.68 18.85 2.73
N GLY A 109 6.76 19.79 2.63
CA GLY A 109 6.35 20.29 1.34
C GLY A 109 5.44 21.50 1.49
N ILE A 110 5.28 22.23 0.38
CA ILE A 110 4.43 23.41 0.32
C ILE A 110 3.40 23.21 -0.80
N ALA A 111 2.32 23.99 -0.74
CA ALA A 111 1.28 23.90 -1.76
C ALA A 111 0.76 25.29 -2.11
N TYR A 112 0.93 25.69 -3.37
CA TYR A 112 0.32 26.89 -3.91
C TYR A 112 -0.85 26.50 -4.81
N SER A 113 -1.70 27.49 -5.08
CA SER A 113 -2.76 27.35 -6.06
C SER A 113 -2.72 28.56 -6.97
N PHE A 114 -2.49 28.35 -8.26
CA PHE A 114 -2.53 29.46 -9.22
C PHE A 114 -2.60 28.92 -10.64
N LYS A 115 -3.21 29.70 -11.51
CA LYS A 115 -3.24 29.44 -12.94
C LYS A 115 -1.99 30.05 -13.59
N LEU A 116 -1.44 29.37 -14.61
CA LEU A 116 -0.23 29.90 -15.23
C LEU A 116 -0.50 31.21 -15.95
N PHE A 117 -1.65 31.31 -16.61
CA PHE A 117 -2.05 32.56 -17.22
C PHE A 117 -3.55 32.77 -16.98
N ASN A 118 -3.90 33.86 -16.33
CA ASN A 118 -5.32 34.18 -16.13
C ASN A 118 -5.82 34.75 -17.45
N VAL A 119 -6.58 33.93 -18.19
CA VAL A 119 -7.02 34.31 -19.53
C VAL A 119 -8.01 35.47 -19.47
N LYS A 120 -8.88 35.49 -18.45
CA LYS A 120 -9.87 36.56 -18.35
C LYS A 120 -9.22 37.91 -18.08
N LYS A 121 -8.19 37.95 -17.23
CA LYS A 121 -7.54 39.21 -16.87
C LYS A 121 -6.23 39.44 -17.61
N LYS A 122 -5.78 38.50 -18.43
CA LYS A 122 -4.56 38.66 -19.23
C LYS A 122 -3.31 38.89 -18.36
N LYS A 123 -3.15 38.11 -17.28
CA LYS A 123 -1.99 38.27 -16.41
C LYS A 123 -1.28 36.93 -16.19
N LEU A 124 0.04 36.93 -16.44
CA LEU A 124 0.89 35.78 -16.18
C LEU A 124 1.02 35.52 -14.68
N CYS A 125 1.18 34.24 -14.32
CA CYS A 125 1.46 33.89 -12.94
C CYS A 125 2.86 34.36 -12.54
N ASP A 126 3.17 34.20 -11.25
CA ASP A 126 4.53 34.39 -10.75
C ASP A 126 5.26 33.07 -10.91
N LEU A 127 6.08 32.96 -11.96
CA LEU A 127 6.75 31.70 -12.26
C LEU A 127 7.70 31.26 -11.16
N GLU A 128 8.17 32.19 -10.33
CA GLU A 128 9.06 31.78 -9.24
C GLU A 128 8.31 30.98 -8.19
N SER A 129 6.98 31.08 -8.13
CA SER A 129 6.21 30.19 -7.28
C SER A 129 6.32 28.75 -7.75
N VAL A 130 6.48 28.53 -9.05
CA VAL A 130 6.74 27.17 -9.53
C VAL A 130 8.11 26.71 -9.06
N ARG A 131 9.10 27.59 -9.16
CA ARG A 131 10.46 27.21 -8.79
C ARG A 131 10.54 26.86 -7.31
N LYS A 132 9.85 27.64 -6.46
CA LYS A 132 9.86 27.37 -5.02
C LYS A 132 9.19 26.03 -4.71
N THR A 133 8.02 25.80 -5.31
CA THR A 133 7.36 24.51 -5.18
C THR A 133 8.33 23.37 -5.50
N LEU A 134 9.03 23.47 -6.64
CA LEU A 134 9.95 22.42 -7.06
C LEU A 134 11.16 22.32 -6.12
N ASP A 135 11.65 23.45 -5.62
CA ASP A 135 12.78 23.45 -4.71
C ASP A 135 12.46 22.71 -3.41
N VAL A 136 11.38 23.10 -2.74
CA VAL A 136 11.03 22.46 -1.46
C VAL A 136 10.55 21.04 -1.69
N ASN A 137 9.63 20.86 -2.64
CA ASN A 137 8.95 19.58 -2.76
C ASN A 137 9.78 18.50 -3.47
N VAL A 138 10.68 18.90 -4.37
CA VAL A 138 11.48 17.94 -5.14
C VAL A 138 12.95 18.02 -4.75
N MET A 139 13.56 19.19 -4.87
CA MET A 139 14.98 19.29 -4.51
C MET A 139 15.20 18.84 -3.07
N GLY A 140 14.30 19.24 -2.18
CA GLY A 140 14.42 18.81 -0.79
C GLY A 140 14.36 17.31 -0.62
N TYR A 141 13.50 16.63 -1.39
CA TYR A 141 13.46 15.18 -1.30
C TYR A 141 14.76 14.56 -1.80
N PHE A 142 15.30 15.09 -2.91
CA PHE A 142 16.56 14.58 -3.44
C PHE A 142 17.69 14.81 -2.46
N THR A 143 17.72 15.99 -1.83
CA THR A 143 18.79 16.30 -0.88
C THR A 143 18.72 15.39 0.34
N VAL A 144 17.53 15.23 0.90
CA VAL A 144 17.38 14.36 2.07
C VAL A 144 17.70 12.92 1.70
N ALA A 145 17.27 12.48 0.51
CA ALA A 145 17.50 11.10 0.11
C ALA A 145 18.98 10.82 -0.07
N ALA A 146 19.72 11.74 -0.69
CA ALA A 146 21.14 11.52 -0.92
C ALA A 146 21.89 11.47 0.39
N HIS A 147 21.57 12.36 1.32
CA HIS A 147 22.30 12.37 2.58
C HIS A 147 21.86 11.24 3.50
N ALA A 148 20.59 10.86 3.45
CA ALA A 148 20.16 9.67 4.18
C ALA A 148 20.86 8.43 3.65
N ALA A 149 21.03 8.35 2.32
CA ALA A 149 21.75 7.23 1.73
C ALA A 149 23.18 7.19 2.23
N GLU A 150 23.80 8.35 2.40
CA GLU A 150 25.15 8.38 2.95
C GLU A 150 25.20 7.72 4.33
N LEU A 151 24.21 7.99 5.18
CA LEU A 151 24.18 7.38 6.50
C LEU A 151 23.84 5.89 6.43
N PHE A 152 22.87 5.52 5.58
CA PHE A 152 22.55 4.10 5.43
C PHE A 152 23.77 3.30 5.06
N ALA A 153 24.64 3.85 4.20
CA ALA A 153 25.80 3.10 3.73
C ALA A 153 26.77 2.74 4.85
N GLU A 154 26.64 3.36 6.01
CA GLU A 154 27.45 2.97 7.16
C GLU A 154 26.84 1.81 7.94
N ASN A 155 25.62 1.40 7.63
CA ASN A 155 25.02 0.24 8.30
C ASN A 155 25.52 -1.06 7.69
N GLU A 156 25.53 -2.11 8.50
CA GLU A 156 25.68 -3.44 7.95
C GLU A 156 24.32 -3.92 7.44
N LYS A 157 24.37 -4.68 6.34
CA LYS A 157 23.15 -5.33 5.86
C LYS A 157 22.55 -6.21 6.95
N ASP A 158 21.27 -6.03 7.19
CA ASP A 158 20.56 -6.86 8.15
C ASP A 158 20.25 -8.23 7.52
N GLU A 159 19.37 -9.00 8.18
CA GLU A 159 19.06 -10.37 7.77
C GLU A 159 18.30 -10.42 6.45
N MET A 160 17.59 -9.35 6.08
CA MET A 160 16.95 -9.26 4.78
C MET A 160 17.84 -8.61 3.74
N GLY A 161 19.11 -8.36 4.08
CA GLY A 161 20.02 -7.67 3.18
C GLY A 161 19.83 -6.17 3.10
N GLN A 162 19.10 -5.57 4.04
CA GLN A 162 18.73 -4.16 3.98
C GLN A 162 19.61 -3.31 4.87
N ARG A 163 19.78 -2.05 4.48
CA ARG A 163 20.45 -1.03 5.28
C ARG A 163 19.57 0.18 5.57
N GLY A 164 18.47 0.37 4.86
CA GLY A 164 17.63 1.52 5.13
C GLY A 164 16.43 1.55 4.21
N VAL A 165 15.54 2.51 4.47
CA VAL A 165 14.39 2.70 3.60
C VAL A 165 14.04 4.18 3.59
N ILE A 166 13.76 4.69 2.39
CA ILE A 166 13.34 6.06 2.17
C ILE A 166 11.87 6.02 1.79
N ILE A 167 11.06 6.81 2.49
CA ILE A 167 9.62 6.89 2.23
C ILE A 167 9.31 8.31 1.85
N ASN A 168 8.80 8.51 0.63
CA ASN A 168 8.46 9.82 0.09
C ASN A 168 6.97 10.06 0.18
N THR A 169 6.59 11.30 0.45
CA THR A 169 5.19 11.67 0.46
C THR A 169 4.90 12.46 -0.82
N ALA A 170 4.19 11.82 -1.74
CA ALA A 170 3.76 12.52 -2.95
C ALA A 170 2.39 13.10 -2.64
N SER A 171 1.40 12.81 -3.49
CA SER A 171 0.03 13.29 -3.32
C SER A 171 -0.77 12.69 -4.44
N ILE A 172 -2.08 12.49 -4.25
CA ILE A 172 -2.88 12.05 -5.40
C ILE A 172 -2.99 13.15 -6.45
N ALA A 173 -2.60 14.39 -6.10
CA ALA A 173 -2.47 15.44 -7.11
C ALA A 173 -1.46 15.07 -8.18
N ALA A 174 -0.56 14.11 -7.91
CA ALA A 174 0.30 13.62 -8.96
C ALA A 174 -0.50 12.92 -10.05
N PHE A 175 -1.68 12.40 -9.71
CA PHE A 175 -2.53 11.71 -10.68
C PHE A 175 -3.83 12.45 -10.99
N ASP A 176 -4.40 13.17 -10.04
CA ASP A 176 -5.71 13.81 -10.16
C ASP A 176 -5.61 15.34 -10.15
N GLY A 177 -4.52 15.91 -10.65
CA GLY A 177 -4.29 17.33 -10.45
C GLY A 177 -5.46 18.21 -10.88
N GLN A 178 -5.92 19.07 -9.99
CA GLN A 178 -7.05 19.97 -10.24
C GLN A 178 -6.61 21.29 -10.87
N ALA A 179 -7.59 22.06 -11.30
CA ALA A 179 -7.32 23.42 -11.77
C ALA A 179 -6.62 24.21 -10.67
N GLY A 180 -5.58 24.95 -11.07
CA GLY A 180 -4.79 25.72 -10.15
C GLY A 180 -3.62 24.98 -9.54
N GLN A 181 -3.49 23.68 -9.81
CA GLN A 181 -2.56 22.81 -9.11
C GLN A 181 -1.41 22.34 -10.00
N SER A 182 -1.20 22.96 -11.16
CA SER A 182 -0.20 22.41 -12.08
C SER A 182 1.18 22.34 -11.43
N ALA A 183 1.60 23.39 -10.72
CA ALA A 183 2.92 23.38 -10.12
C ALA A 183 3.01 22.33 -9.01
N TYR A 184 2.03 22.30 -8.12
CA TYR A 184 2.01 21.30 -7.07
C TYR A 184 1.96 19.88 -7.66
N SER A 185 1.09 19.67 -8.65
CA SER A 185 1.00 18.36 -9.28
C SER A 185 2.31 17.96 -9.93
N ALA A 186 2.98 18.92 -10.58
CA ALA A 186 4.27 18.63 -11.17
C ALA A 186 5.27 18.17 -10.11
N SER A 187 5.33 18.90 -8.99
CA SER A 187 6.28 18.48 -7.95
C SER A 187 5.92 17.10 -7.40
N LYS A 188 4.63 16.77 -7.34
CA LYS A 188 4.25 15.48 -6.80
C LYS A 188 4.43 14.38 -7.83
N GLY A 189 4.14 14.68 -9.10
CA GLY A 189 4.52 13.78 -10.18
C GLY A 189 6.01 13.50 -10.25
N ALA A 190 6.84 14.51 -9.93
CA ALA A 190 8.28 14.27 -9.85
C ALA A 190 8.61 13.22 -8.80
N ILE A 191 7.94 13.28 -7.66
CA ILE A 191 8.25 12.33 -6.59
C ILE A 191 7.80 10.92 -6.99
N VAL A 192 6.68 10.82 -7.68
CA VAL A 192 6.26 9.53 -8.24
C VAL A 192 7.33 9.00 -9.18
N GLY A 193 7.79 9.84 -10.11
CA GLY A 193 8.76 9.39 -11.11
C GLY A 193 10.09 8.97 -10.52
N MET A 194 10.53 9.62 -9.44
CA MET A 194 11.83 9.30 -8.87
C MET A 194 11.82 7.98 -8.09
N THR A 195 10.64 7.47 -7.75
CA THR A 195 10.56 6.33 -6.83
C THR A 195 11.25 5.08 -7.40
N LEU A 196 10.84 4.63 -8.59
CA LEU A 196 11.39 3.39 -9.13
C LEU A 196 12.87 3.48 -9.47
N PRO A 197 13.36 4.52 -10.16
CA PRO A 197 14.81 4.56 -10.44
C PRO A 197 15.65 4.61 -9.18
N LEU A 198 15.20 5.28 -8.12
CA LEU A 198 15.94 5.27 -6.87
C LEU A 198 15.94 3.89 -6.23
N ALA A 199 14.79 3.21 -6.24
CA ALA A 199 14.79 1.83 -5.75
C ALA A 199 15.74 0.97 -6.57
N ARG A 200 15.81 1.21 -7.89
CA ARG A 200 16.77 0.46 -8.70
C ARG A 200 18.21 0.86 -8.39
N ASP A 201 18.47 2.17 -8.24
CA ASP A 201 19.80 2.65 -7.85
C ASP A 201 20.35 1.86 -6.65
N PHE A 202 19.56 1.79 -5.59
CA PHE A 202 20.01 1.27 -4.31
C PHE A 202 19.67 -0.19 -4.10
N ALA A 203 19.24 -0.88 -5.18
CA ALA A 203 18.72 -2.23 -5.02
C ALA A 203 19.75 -3.15 -4.36
N ASP A 204 20.96 -3.18 -4.91
CA ASP A 204 21.99 -4.05 -4.35
C ASP A 204 22.65 -3.46 -3.12
N ASP A 205 22.30 -2.24 -2.74
CA ASP A 205 22.78 -1.63 -1.50
C ASP A 205 21.81 -1.85 -0.36
N GLY A 206 20.63 -2.38 -0.63
CA GLY A 206 19.70 -2.66 0.44
C GLY A 206 18.97 -1.45 0.95
N ILE A 207 18.73 -0.45 0.10
CA ILE A 207 17.93 0.71 0.47
C ILE A 207 16.67 0.71 -0.38
N ARG A 208 15.52 0.49 0.25
CA ARG A 208 14.25 0.57 -0.47
C ARG A 208 13.79 2.02 -0.56
N VAL A 209 12.95 2.29 -1.55
CA VAL A 209 12.34 3.59 -1.77
C VAL A 209 10.87 3.34 -2.10
N VAL A 210 9.98 3.88 -1.27
CA VAL A 210 8.54 3.70 -1.43
C VAL A 210 7.89 5.06 -1.26
N THR A 211 6.79 5.27 -1.97
CA THR A 211 6.10 6.54 -1.94
C THR A 211 4.64 6.34 -1.54
N ILE A 212 4.16 7.24 -0.70
CA ILE A 212 2.76 7.31 -0.31
C ILE A 212 2.14 8.52 -0.99
N ALA A 213 0.97 8.33 -1.60
CA ALA A 213 0.23 9.43 -2.21
C ALA A 213 -1.02 9.70 -1.40
N PRO A 214 -0.97 10.57 -0.39
CA PRO A 214 -2.14 10.84 0.42
C PRO A 214 -3.23 11.56 -0.37
N GLY A 215 -4.47 11.30 0.01
CA GLY A 215 -5.58 12.13 -0.40
C GLY A 215 -5.63 13.35 0.49
N ILE A 216 -6.81 13.77 0.87
CA ILE A 216 -6.96 14.95 1.71
C ILE A 216 -6.89 14.53 3.17
N PHE A 217 -5.99 15.16 3.93
CA PHE A 217 -5.79 14.84 5.34
C PHE A 217 -5.96 16.09 6.17
N ASP A 218 -6.39 15.89 7.41
CA ASP A 218 -6.71 16.99 8.32
C ASP A 218 -5.43 17.50 8.98
N THR A 219 -4.77 18.46 8.31
CA THR A 219 -3.49 19.03 8.76
C THR A 219 -3.50 20.55 8.61
N PRO A 220 -2.52 21.26 9.18
CA PRO A 220 -2.45 22.72 8.95
C PRO A 220 -2.37 23.12 7.49
N MET A 221 -1.94 22.25 6.58
CA MET A 221 -1.95 22.61 5.16
C MET A 221 -3.35 22.98 4.67
N MET A 222 -4.39 22.41 5.29
CA MET A 222 -5.78 22.67 4.94
C MET A 222 -6.45 23.62 5.93
N ALA A 223 -5.69 24.25 6.82
CA ALA A 223 -6.30 25.02 7.90
C ALA A 223 -6.98 26.29 7.39
N SER A 224 -6.51 26.83 6.27
CA SER A 224 -7.05 28.09 5.75
C SER A 224 -8.50 27.96 5.28
N PHE A 225 -8.91 26.77 4.88
CA PHE A 225 -10.17 26.62 4.16
C PHE A 225 -11.36 26.78 5.10
N PRO A 226 -12.33 27.63 4.78
CA PRO A 226 -13.49 27.81 5.65
C PRO A 226 -14.38 26.58 5.60
N ASP A 227 -15.33 26.54 6.54
CA ASP A 227 -16.14 25.35 6.73
C ASP A 227 -16.88 24.94 5.46
N LYS A 228 -17.27 25.90 4.61
CA LYS A 228 -17.95 25.54 3.37
C LYS A 228 -17.05 24.73 2.45
N VAL A 229 -15.78 25.12 2.34
CA VAL A 229 -14.85 24.37 1.50
C VAL A 229 -14.53 23.01 2.13
N ARG A 230 -14.42 22.96 3.46
CA ARG A 230 -14.19 21.67 4.11
C ARG A 230 -15.32 20.71 3.82
N ASN A 231 -16.58 21.16 3.97
CA ASN A 231 -17.71 20.29 3.70
C ASN A 231 -17.71 19.82 2.25
N PHE A 232 -17.36 20.72 1.33
CA PHE A 232 -17.33 20.35 -0.07
C PHE A 232 -16.30 19.26 -0.33
N LEU A 233 -15.08 19.45 0.18
CA LEU A 233 -14.02 18.47 -0.03
C LEU A 233 -14.35 17.12 0.62
N ILE A 234 -14.91 17.15 1.84
CA ILE A 234 -15.36 15.92 2.48
C ILE A 234 -16.39 15.21 1.61
N GLY A 235 -17.32 15.97 1.04
CA GLY A 235 -18.32 15.39 0.17
C GLY A 235 -17.75 14.59 -0.97
N LEU A 236 -16.53 14.93 -1.41
CA LEU A 236 -15.92 14.23 -2.54
C LEU A 236 -15.36 12.86 -2.13
N VAL A 237 -14.93 12.71 -0.89
CA VAL A 237 -14.27 11.47 -0.49
C VAL A 237 -15.32 10.36 -0.41
N PRO A 238 -15.19 9.28 -1.19
CA PRO A 238 -16.25 8.25 -1.16
C PRO A 238 -16.40 7.59 0.21
N ASN A 239 -15.32 7.04 0.74
CA ASN A 239 -15.42 6.21 1.94
C ASN A 239 -14.04 5.82 2.48
N PRO A 240 -13.75 6.05 3.77
CA PRO A 240 -14.53 6.77 4.80
C PRO A 240 -14.82 8.20 4.38
N LYS A 241 -16.02 8.72 4.64
CA LYS A 241 -16.39 10.02 4.08
C LYS A 241 -15.92 11.08 5.06
N ARG A 242 -14.61 11.33 5.01
CA ARG A 242 -13.95 12.27 5.91
C ARG A 242 -12.55 12.51 5.35
N PHE A 243 -11.88 13.52 5.89
CA PHE A 243 -10.46 13.66 5.69
C PHE A 243 -9.73 12.51 6.39
N GLY A 244 -8.59 12.10 5.82
CA GLY A 244 -7.69 11.22 6.56
C GLY A 244 -7.17 11.89 7.82
N VAL A 245 -6.83 11.08 8.82
CA VAL A 245 -6.21 11.63 10.02
C VAL A 245 -4.74 11.24 10.01
N PRO A 246 -3.84 12.07 10.59
CA PRO A 246 -2.40 11.81 10.44
C PRO A 246 -1.95 10.44 10.91
N GLU A 247 -2.65 9.84 11.87
CA GLU A 247 -2.23 8.53 12.36
C GLU A 247 -2.34 7.47 11.28
N GLU A 248 -3.31 7.61 10.37
CA GLU A 248 -3.43 6.63 9.30
C GLU A 248 -2.27 6.74 8.32
N TYR A 249 -1.75 7.96 8.11
CA TYR A 249 -0.55 8.09 7.29
C TYR A 249 0.65 7.48 8.01
N GLY A 250 0.80 7.78 9.30
CA GLY A 250 1.89 7.19 10.06
C GLY A 250 1.80 5.68 10.14
N ALA A 251 0.59 5.12 10.19
CA ALA A 251 0.47 3.67 10.24
C ALA A 251 0.95 3.05 8.93
N LEU A 252 0.67 3.69 7.80
CA LEU A 252 1.16 3.18 6.52
C LEU A 252 2.67 3.32 6.43
N VAL A 253 3.20 4.44 6.92
CA VAL A 253 4.66 4.59 6.98
C VAL A 253 5.27 3.43 7.73
N ARG A 254 4.70 3.11 8.90
CA ARG A 254 5.26 2.02 9.70
C ARG A 254 5.12 0.69 8.98
N HIS A 255 4.01 0.48 8.27
CA HIS A 255 3.89 -0.81 7.59
C HIS A 255 4.98 -0.98 6.52
N ILE A 256 5.28 0.10 5.80
CA ILE A 256 6.36 0.04 4.80
C ILE A 256 7.69 -0.25 5.48
N ILE A 257 7.93 0.36 6.63
CA ILE A 257 9.14 0.11 7.41
C ILE A 257 9.26 -1.36 7.79
N GLU A 258 8.14 -1.99 8.15
CA GLU A 258 8.18 -3.36 8.67
C GLU A 258 8.08 -4.43 7.59
N ASN A 259 7.39 -4.14 6.48
CA ASN A 259 7.15 -5.10 5.40
C ASN A 259 8.15 -4.85 4.28
N ARG A 260 9.25 -5.58 4.28
CA ARG A 260 10.36 -5.31 3.34
C ARG A 260 10.04 -5.59 1.86
N TYR A 261 8.97 -6.30 1.54
CA TYR A 261 8.76 -6.55 0.11
C TYR A 261 8.06 -5.40 -0.58
N LEU A 262 7.68 -4.34 0.14
CA LEU A 262 7.22 -3.11 -0.48
C LEU A 262 8.44 -2.31 -0.94
N ASN A 263 8.56 -2.12 -2.24
CA ASN A 263 9.68 -1.35 -2.79
C ASN A 263 9.27 -0.82 -4.16
N GLY A 264 9.70 0.40 -4.47
CA GLY A 264 9.50 0.94 -5.82
C GLY A 264 8.06 1.21 -6.22
N GLU A 265 7.15 1.29 -5.25
CA GLU A 265 5.73 1.45 -5.51
C GLU A 265 5.24 2.78 -4.94
N VAL A 266 4.13 3.26 -5.48
CA VAL A 266 3.41 4.42 -4.95
C VAL A 266 2.06 3.93 -4.44
N ILE A 267 1.73 4.25 -3.20
CA ILE A 267 0.49 3.78 -2.58
C ILE A 267 -0.43 4.97 -2.32
N ARG A 268 -1.60 4.96 -2.98
CA ARG A 268 -2.62 5.95 -2.74
C ARG A 268 -3.33 5.68 -1.41
N LEU A 269 -3.42 6.70 -0.55
CA LEU A 269 -4.05 6.59 0.76
C LEU A 269 -5.05 7.74 0.84
N ASP A 270 -6.30 7.46 0.42
CA ASP A 270 -7.16 8.57 0.02
C ASP A 270 -8.66 8.30 0.17
N GLY A 271 -9.07 7.21 0.81
CA GLY A 271 -10.50 6.94 0.93
C GLY A 271 -11.20 6.79 -0.41
N ALA A 272 -10.48 6.40 -1.45
CA ALA A 272 -10.96 6.23 -2.83
C ALA A 272 -11.24 7.55 -3.52
N LEU A 273 -10.75 8.67 -2.99
CA LEU A 273 -10.99 9.96 -3.61
C LEU A 273 -10.32 10.03 -4.98
N ARG A 274 -11.01 10.66 -5.92
CA ARG A 274 -10.42 11.07 -7.19
C ARG A 274 -10.79 12.54 -7.36
N MET A 275 -9.81 13.40 -7.24
CA MET A 275 -10.06 14.84 -7.27
C MET A 275 -10.62 15.25 -8.63
N PRO A 276 -11.79 15.89 -8.68
CA PRO A 276 -12.46 16.14 -9.96
C PRO A 276 -12.08 17.46 -10.60
N ALA A 277 -12.58 17.69 -11.82
CA ALA A 277 -12.47 18.99 -12.46
C ALA A 277 -13.62 19.89 -11.99
N SER B 19 -7.39 5.39 19.13
CA SER B 19 -6.69 5.23 17.87
C SER B 19 -7.69 5.14 16.72
N ALA B 20 -7.26 5.66 15.56
CA ALA B 20 -8.05 5.52 14.34
C ALA B 20 -7.86 4.17 13.67
N LEU B 21 -6.81 3.45 14.04
CA LEU B 21 -6.60 2.10 13.54
C LEU B 21 -7.27 1.10 14.47
N ARG B 22 -7.86 0.08 13.87
CA ARG B 22 -8.54 -0.94 14.65
C ARG B 22 -7.67 -2.19 14.77
N SER B 23 -8.09 -3.04 15.70
CA SER B 23 -7.50 -4.35 15.86
C SER B 23 -8.16 -5.33 14.90
N THR B 24 -7.41 -6.37 14.54
CA THR B 24 -7.93 -7.55 13.84
C THR B 24 -8.66 -8.49 14.79
N LYS B 25 -8.51 -8.31 16.10
CA LYS B 25 -9.05 -9.25 17.08
C LYS B 25 -10.56 -9.31 17.00
N GLY B 26 -11.09 -10.52 16.85
CA GLY B 26 -12.52 -10.72 16.80
C GLY B 26 -13.16 -10.44 15.46
N LEU B 27 -12.40 -10.09 14.44
CA LEU B 27 -12.97 -9.94 13.11
C LEU B 27 -13.10 -11.30 12.43
N VAL B 28 -14.11 -11.44 11.59
CA VAL B 28 -14.39 -12.68 10.86
C VAL B 28 -14.01 -12.46 9.41
N ALA B 29 -13.11 -13.29 8.89
CA ALA B 29 -12.60 -13.15 7.53
C ALA B 29 -12.79 -14.44 6.74
N LEU B 30 -13.29 -14.32 5.52
CA LEU B 30 -13.26 -15.38 4.53
C LEU B 30 -12.08 -15.16 3.61
N VAL B 31 -11.32 -16.21 3.33
CA VAL B 31 -10.19 -16.16 2.42
C VAL B 31 -10.36 -17.25 1.37
N THR B 32 -10.64 -16.86 0.13
CA THR B 32 -10.72 -17.85 -0.93
C THR B 32 -9.31 -18.27 -1.33
N GLY B 33 -9.20 -19.50 -1.85
CA GLY B 33 -7.89 -20.06 -2.12
C GLY B 33 -7.03 -20.23 -0.91
N GLY B 34 -7.62 -20.27 0.30
CA GLY B 34 -6.91 -20.25 1.55
C GLY B 34 -6.22 -21.54 1.96
N ALA B 35 -6.40 -22.62 1.20
CA ALA B 35 -5.66 -23.85 1.50
C ALA B 35 -4.20 -23.76 1.07
N SER B 36 -3.80 -22.72 0.35
CA SER B 36 -2.50 -22.72 -0.31
C SER B 36 -1.92 -21.33 -0.37
N GLY B 37 -0.58 -21.27 -0.43
CA GLY B 37 0.10 -20.09 -0.92
C GLY B 37 -0.29 -18.80 -0.20
N LEU B 38 -0.68 -17.80 -1.01
CA LEU B 38 -0.94 -16.48 -0.45
C LEU B 38 -2.21 -16.48 0.40
N GLY B 39 -3.26 -17.18 -0.04
CA GLY B 39 -4.46 -17.25 0.75
C GLY B 39 -4.20 -17.85 2.11
N ARG B 40 -3.43 -18.93 2.16
CA ARG B 40 -3.05 -19.52 3.44
C ARG B 40 -2.19 -18.54 4.25
N GLY B 41 -1.32 -17.78 3.57
CA GLY B 41 -0.55 -16.78 4.27
C GLY B 41 -1.42 -15.73 4.93
N ALA B 42 -2.46 -15.30 4.23
CA ALA B 42 -3.39 -14.35 4.82
C ALA B 42 -4.18 -14.98 5.95
N ALA B 43 -4.62 -16.22 5.78
CA ALA B 43 -5.34 -16.89 6.86
C ALA B 43 -4.48 -17.00 8.11
N GLU B 44 -3.23 -17.44 7.96
CA GLU B 44 -2.38 -17.60 9.14
C GLU B 44 -2.14 -16.26 9.85
N ASN B 45 -1.88 -15.21 9.07
CA ASN B 45 -1.60 -13.90 9.66
C ASN B 45 -2.83 -13.36 10.38
N LEU B 46 -4.02 -13.58 9.83
CA LEU B 46 -5.24 -13.10 10.49
C LEU B 46 -5.52 -13.88 11.78
N LEU B 47 -5.43 -15.22 11.71
CA LEU B 47 -5.59 -16.02 12.92
C LEU B 47 -4.55 -15.66 13.97
N LYS B 48 -3.31 -15.40 13.54
CA LYS B 48 -2.25 -15.04 14.48
C LYS B 48 -2.59 -13.75 15.22
N HIS B 49 -3.38 -12.87 14.61
CA HIS B 49 -3.75 -11.61 15.25
C HIS B 49 -5.18 -11.61 15.75
N GLY B 50 -5.75 -12.78 16.04
CA GLY B 50 -6.98 -12.86 16.77
C GLY B 50 -8.24 -12.90 15.96
N ALA B 51 -8.16 -13.09 14.65
CA ALA B 51 -9.35 -13.17 13.82
C ALA B 51 -9.88 -14.60 13.74
N LYS B 52 -11.18 -14.72 13.52
CA LYS B 52 -11.79 -15.95 13.02
C LYS B 52 -11.67 -15.98 11.50
N VAL B 53 -11.28 -17.12 10.94
CA VAL B 53 -11.04 -17.21 9.50
C VAL B 53 -11.73 -18.44 8.94
N ALA B 54 -12.50 -18.25 7.88
CA ALA B 54 -12.98 -19.36 7.06
C ALA B 54 -12.15 -19.41 5.79
N ILE B 55 -11.56 -20.58 5.53
CA ILE B 55 -10.84 -20.84 4.31
C ILE B 55 -11.81 -21.45 3.30
N LEU B 56 -11.97 -20.80 2.15
CA LEU B 56 -12.78 -21.32 1.06
C LEU B 56 -11.83 -21.83 -0.01
N ASP B 57 -11.97 -23.11 -0.36
CA ASP B 57 -11.11 -23.73 -1.36
C ASP B 57 -11.81 -24.99 -1.88
N LEU B 58 -11.20 -25.62 -2.88
CA LEU B 58 -11.83 -26.73 -3.57
C LEU B 58 -11.83 -27.99 -2.70
N PRO B 59 -12.83 -28.87 -2.87
CA PRO B 59 -12.79 -30.17 -2.17
C PRO B 59 -11.53 -30.95 -2.47
N SER B 60 -10.94 -30.79 -3.66
CA SER B 60 -9.67 -31.44 -3.97
C SER B 60 -8.49 -30.81 -3.24
N SER B 61 -8.66 -29.60 -2.70
CA SER B 61 -7.56 -28.97 -1.99
C SER B 61 -7.33 -29.67 -0.65
N ALA B 62 -6.29 -29.23 0.05
CA ALA B 62 -5.99 -29.68 1.40
C ALA B 62 -6.65 -28.82 2.46
N GLY B 63 -7.76 -28.16 2.10
CA GLY B 63 -8.35 -27.18 3.01
C GLY B 63 -8.69 -27.74 4.37
N ALA B 64 -9.21 -28.98 4.41
CA ALA B 64 -9.59 -29.56 5.70
C ALA B 64 -8.37 -29.75 6.59
N GLU B 65 -7.29 -30.29 6.03
CA GLU B 65 -6.07 -30.52 6.79
C GLU B 65 -5.48 -29.19 7.26
N VAL B 66 -5.51 -28.19 6.39
CA VAL B 66 -4.95 -26.87 6.73
C VAL B 66 -5.75 -26.22 7.85
N ALA B 67 -7.08 -26.23 7.74
CA ALA B 67 -7.89 -25.63 8.80
C ALA B 67 -7.71 -26.36 10.12
N LYS B 68 -7.53 -27.67 10.07
CA LYS B 68 -7.29 -28.42 11.30
C LYS B 68 -6.03 -27.93 11.98
N GLU B 69 -4.93 -27.81 11.22
CA GLU B 69 -3.68 -27.42 11.85
C GLU B 69 -3.73 -25.98 12.32
N LEU B 70 -4.57 -25.15 11.71
CA LEU B 70 -4.66 -23.74 12.06
C LEU B 70 -5.54 -23.47 13.27
N GLY B 71 -6.24 -24.48 13.80
CA GLY B 71 -6.89 -24.34 15.08
C GLY B 71 -8.38 -24.12 14.99
N GLY B 72 -8.97 -23.91 16.18
CA GLY B 72 -10.41 -23.78 16.35
C GLY B 72 -11.02 -22.45 15.94
N ASP B 73 -10.22 -21.44 15.66
CA ASP B 73 -10.75 -20.21 15.07
C ASP B 73 -10.76 -20.25 13.55
N CYS B 74 -10.42 -21.40 12.95
CA CYS B 74 -10.37 -21.56 11.50
C CYS B 74 -11.25 -22.72 11.06
N ILE B 75 -12.16 -22.46 10.11
CA ILE B 75 -12.97 -23.51 9.52
C ILE B 75 -12.67 -23.56 8.03
N PHE B 76 -12.96 -24.71 7.43
CA PHE B 76 -12.83 -24.93 6.00
C PHE B 76 -14.22 -25.05 5.40
N THR B 77 -14.56 -24.12 4.49
CA THR B 77 -15.83 -24.18 3.78
C THR B 77 -15.55 -24.56 2.33
N PRO B 78 -15.73 -25.83 1.96
CA PRO B 78 -15.47 -26.23 0.57
C PRO B 78 -16.45 -25.57 -0.38
N ALA B 79 -15.92 -25.11 -1.52
CA ALA B 79 -16.70 -24.47 -2.57
C ALA B 79 -15.80 -24.15 -3.74
N SER B 80 -16.36 -24.17 -4.96
CA SER B 80 -15.71 -23.58 -6.12
C SER B 80 -16.23 -22.18 -6.33
N VAL B 81 -15.32 -21.22 -6.46
CA VAL B 81 -15.73 -19.83 -6.66
C VAL B 81 -16.45 -19.62 -8.00
N THR B 82 -16.34 -20.57 -8.94
CA THR B 82 -17.10 -20.46 -10.18
C THR B 82 -18.52 -20.99 -10.05
N ALA B 83 -18.91 -21.51 -8.89
CA ALA B 83 -20.24 -22.05 -8.65
C ALA B 83 -20.93 -21.15 -7.62
N ALA B 84 -21.82 -20.27 -8.11
CA ALA B 84 -22.48 -19.30 -7.25
C ALA B 84 -23.25 -19.97 -6.11
N SER B 85 -23.86 -21.12 -6.37
CA SER B 85 -24.63 -21.76 -5.30
C SER B 85 -23.70 -22.31 -4.21
N GLU B 86 -22.51 -22.76 -4.60
CA GLU B 86 -21.54 -23.25 -3.62
C GLU B 86 -20.95 -22.09 -2.82
N VAL B 87 -20.76 -20.93 -3.44
CA VAL B 87 -20.28 -19.75 -2.71
C VAL B 87 -21.34 -19.28 -1.73
N LYS B 88 -22.61 -19.27 -2.15
CA LYS B 88 -23.70 -18.89 -1.25
C LYS B 88 -23.71 -19.77 0.00
N SER B 89 -23.58 -21.08 -0.16
CA SER B 89 -23.67 -21.97 1.00
C SER B 89 -22.42 -21.88 1.88
N ALA B 90 -21.24 -21.74 1.27
CA ALA B 90 -20.05 -21.53 2.08
C ALA B 90 -20.21 -20.30 2.96
N LEU B 91 -20.70 -19.19 2.38
CA LEU B 91 -20.88 -17.98 3.18
C LEU B 91 -22.00 -18.15 4.20
N ALA B 92 -23.04 -18.93 3.90
CA ALA B 92 -24.06 -19.18 4.91
C ALA B 92 -23.51 -20.04 6.05
N ASP B 93 -22.53 -20.90 5.77
CA ASP B 93 -21.89 -21.65 6.84
C ASP B 93 -21.00 -20.76 7.68
N VAL B 94 -20.31 -19.78 7.05
CA VAL B 94 -19.56 -18.80 7.82
C VAL B 94 -20.47 -18.05 8.77
N LYS B 95 -21.66 -17.66 8.28
CA LYS B 95 -22.61 -16.96 9.15
C LYS B 95 -23.08 -17.85 10.30
N LYS B 96 -23.35 -19.13 10.03
CA LYS B 96 -23.75 -20.00 11.12
C LYS B 96 -22.61 -20.17 12.11
N LYS B 97 -21.40 -20.40 11.62
CA LYS B 97 -20.31 -20.71 12.53
C LYS B 97 -19.86 -19.48 13.32
N PHE B 98 -19.73 -18.33 12.67
CA PHE B 98 -19.11 -17.17 13.30
C PHE B 98 -20.03 -15.97 13.49
N GLY B 99 -21.27 -16.04 13.02
CA GLY B 99 -22.25 -15.01 13.29
C GLY B 99 -22.25 -13.83 12.33
N ARG B 100 -21.15 -13.57 11.63
CA ARG B 100 -21.02 -12.36 10.84
C ARG B 100 -19.83 -12.52 9.91
N LEU B 101 -19.67 -11.56 9.01
CA LEU B 101 -18.49 -11.48 8.17
C LEU B 101 -17.99 -10.04 8.22
N ASP B 102 -16.69 -9.88 8.40
CA ASP B 102 -16.07 -8.56 8.42
C ASP B 102 -15.13 -8.33 7.26
N VAL B 103 -14.47 -9.38 6.77
CA VAL B 103 -13.45 -9.28 5.74
C VAL B 103 -13.64 -10.42 4.74
N ALA B 104 -13.58 -10.11 3.45
CA ALA B 104 -13.51 -11.13 2.41
C ALA B 104 -12.25 -10.90 1.60
N VAL B 105 -11.41 -11.93 1.50
CA VAL B 105 -10.17 -11.85 0.75
C VAL B 105 -10.29 -12.74 -0.48
N ASN B 106 -10.36 -12.11 -1.65
CA ASN B 106 -10.39 -12.81 -2.93
C ASN B 106 -8.96 -13.19 -3.30
N CYS B 107 -8.64 -14.48 -3.20
CA CYS B 107 -7.30 -14.93 -3.49
C CYS B 107 -7.23 -16.12 -4.46
N ALA B 108 -8.28 -16.93 -4.57
CA ALA B 108 -8.24 -18.05 -5.50
C ALA B 108 -7.99 -17.59 -6.93
N GLY B 109 -7.11 -18.30 -7.62
CA GLY B 109 -6.80 -17.98 -8.99
C GLY B 109 -6.01 -19.09 -9.64
N ILE B 110 -6.02 -19.10 -10.97
CA ILE B 110 -5.24 -20.04 -11.77
C ILE B 110 -4.41 -19.24 -12.75
N ALA B 111 -3.32 -19.86 -13.22
CA ALA B 111 -2.39 -19.20 -14.14
C ALA B 111 -2.02 -20.15 -15.28
N TYR B 112 -2.31 -19.73 -16.51
CA TYR B 112 -1.85 -20.41 -17.72
C TYR B 112 -0.73 -19.60 -18.39
N SER B 113 0.01 -20.28 -19.24
CA SER B 113 1.01 -19.67 -20.10
C SER B 113 0.80 -20.20 -21.50
N PHE B 114 0.41 -19.33 -22.43
CA PHE B 114 0.28 -19.75 -23.81
C PHE B 114 0.19 -18.52 -24.70
N LYS B 115 0.66 -18.68 -25.94
CA LYS B 115 0.52 -17.66 -26.97
C LYS B 115 -0.81 -17.88 -27.68
N LEU B 116 -1.46 -16.79 -28.11
CA LEU B 116 -2.77 -16.95 -28.75
C LEU B 116 -2.63 -17.65 -30.08
N PHE B 117 -1.55 -17.39 -30.80
CA PHE B 117 -1.27 -18.08 -32.05
C PHE B 117 0.22 -18.29 -32.17
N ASN B 118 0.66 -19.56 -32.21
CA ASN B 118 2.06 -19.85 -32.46
C ASN B 118 2.32 -19.60 -33.94
N VAL B 119 3.02 -18.51 -34.23
CA VAL B 119 3.25 -18.08 -35.60
C VAL B 119 4.19 -19.02 -36.32
N LYS B 120 5.17 -19.59 -35.60
CA LYS B 120 6.15 -20.46 -36.24
C LYS B 120 5.52 -21.76 -36.71
N LYS B 121 4.68 -22.38 -35.88
CA LYS B 121 4.06 -23.66 -36.19
C LYS B 121 2.63 -23.50 -36.70
N LYS B 122 2.11 -22.28 -36.79
CA LYS B 122 0.77 -22.01 -37.31
C LYS B 122 -0.32 -22.76 -36.53
N LYS B 123 -0.32 -22.61 -35.21
CA LYS B 123 -1.30 -23.26 -34.35
C LYS B 123 -1.98 -22.25 -33.44
N LEU B 124 -3.30 -22.21 -33.49
CA LEU B 124 -4.11 -21.40 -32.58
C LEU B 124 -4.09 -21.99 -31.18
N CYS B 125 -4.14 -21.13 -30.18
CA CYS B 125 -4.32 -21.62 -28.81
C CYS B 125 -5.70 -22.26 -28.65
N ASP B 126 -5.91 -22.86 -27.47
CA ASP B 126 -7.23 -23.27 -27.01
C ASP B 126 -7.84 -22.09 -26.27
N LEU B 127 -8.78 -21.40 -26.92
CA LEU B 127 -9.40 -20.22 -26.33
C LEU B 127 -10.20 -20.55 -25.08
N GLU B 128 -10.64 -21.80 -24.91
CA GLU B 128 -11.30 -22.15 -23.66
C GLU B 128 -10.39 -21.97 -22.46
N SER B 129 -9.06 -22.00 -22.65
CA SER B 129 -8.17 -21.68 -21.54
C SER B 129 -8.27 -20.21 -21.15
N VAL B 130 -8.58 -19.33 -22.11
CA VAL B 130 -8.88 -17.94 -21.75
C VAL B 130 -10.15 -17.88 -20.91
N ARG B 131 -11.19 -18.61 -21.32
CA ARG B 131 -12.46 -18.56 -20.63
C ARG B 131 -12.33 -19.09 -19.20
N LYS B 132 -11.58 -20.18 -19.01
CA LYS B 132 -11.40 -20.73 -17.66
C LYS B 132 -10.64 -19.75 -16.78
N THR B 133 -9.59 -19.13 -17.33
CA THR B 133 -8.85 -18.11 -16.58
C THR B 133 -9.79 -17.00 -16.12
N LEU B 134 -10.61 -16.49 -17.05
CA LEU B 134 -11.55 -15.42 -16.71
C LEU B 134 -12.61 -15.90 -15.73
N ASP B 135 -13.03 -17.15 -15.84
CA ASP B 135 -14.08 -17.67 -14.96
C ASP B 135 -13.58 -17.73 -13.51
N VAL B 136 -12.46 -18.42 -13.28
CA VAL B 136 -11.93 -18.52 -11.92
C VAL B 136 -11.47 -17.16 -11.42
N ASN B 137 -10.63 -16.46 -12.20
CA ASN B 137 -9.91 -15.30 -11.66
C ASN B 137 -10.78 -14.06 -11.60
N VAL B 138 -11.79 -13.94 -12.45
CA VAL B 138 -12.64 -12.75 -12.48
C VAL B 138 -14.06 -13.07 -11.99
N MET B 139 -14.75 -14.00 -12.65
CA MET B 139 -16.12 -14.30 -12.24
C MET B 139 -16.16 -14.72 -10.77
N GLY B 140 -15.19 -15.53 -10.35
CA GLY B 140 -15.12 -15.93 -8.95
C GLY B 140 -14.98 -14.75 -8.00
N TYR B 141 -14.19 -13.75 -8.39
CA TYR B 141 -14.08 -12.57 -7.52
C TYR B 141 -15.41 -11.83 -7.44
N PHE B 142 -16.11 -11.68 -8.57
CA PHE B 142 -17.42 -11.01 -8.55
C PHE B 142 -18.43 -11.81 -7.74
N THR B 143 -18.45 -13.13 -7.90
CA THR B 143 -19.37 -13.98 -7.16
C THR B 143 -19.11 -13.88 -5.66
N VAL B 144 -17.85 -13.98 -5.26
CA VAL B 144 -17.50 -13.89 -3.84
C VAL B 144 -17.79 -12.49 -3.31
N ALA B 145 -17.46 -11.46 -4.09
CA ALA B 145 -17.71 -10.08 -3.63
C ALA B 145 -19.19 -9.82 -3.43
N ALA B 146 -20.03 -10.27 -4.39
CA ALA B 146 -21.47 -10.07 -4.27
C ALA B 146 -22.03 -10.71 -3.01
N HIS B 147 -21.67 -11.96 -2.74
CA HIS B 147 -22.23 -12.65 -1.59
C HIS B 147 -21.63 -12.14 -0.29
N ALA B 148 -20.34 -11.75 -0.29
CA ALA B 148 -19.76 -11.12 0.89
C ALA B 148 -20.51 -9.84 1.23
N ALA B 149 -20.81 -9.04 0.21
CA ALA B 149 -21.57 -7.81 0.43
C ALA B 149 -22.92 -8.10 1.07
N GLU B 150 -23.57 -9.17 0.64
CA GLU B 150 -24.85 -9.56 1.24
C GLU B 150 -24.70 -9.81 2.74
N LEU B 151 -23.64 -10.51 3.14
CA LEU B 151 -23.38 -10.72 4.57
C LEU B 151 -23.00 -9.42 5.26
N PHE B 152 -22.17 -8.57 4.63
CA PHE B 152 -21.82 -7.29 5.24
C PHE B 152 -23.05 -6.45 5.53
N ALA B 153 -24.03 -6.45 4.62
CA ALA B 153 -25.21 -5.61 4.81
C ALA B 153 -26.00 -5.98 6.07
N GLU B 154 -25.75 -7.17 6.64
CA GLU B 154 -26.36 -7.52 7.92
C GLU B 154 -25.67 -6.85 9.10
N ASN B 155 -24.46 -6.34 8.91
CA ASN B 155 -23.74 -5.69 9.99
C ASN B 155 -24.25 -4.28 10.24
N GLU B 156 -24.19 -3.87 11.51
CA GLU B 156 -24.38 -2.47 11.84
C GLU B 156 -23.11 -1.71 11.48
N LYS B 157 -23.28 -0.48 11.00
CA LYS B 157 -22.12 0.36 10.73
C LYS B 157 -21.33 0.56 12.01
N ASP B 158 -20.01 0.41 11.91
CA ASP B 158 -19.16 0.54 13.10
C ASP B 158 -18.84 2.01 13.35
N GLU B 159 -17.84 2.25 14.20
CA GLU B 159 -17.48 3.59 14.63
C GLU B 159 -17.08 4.46 13.45
N MET B 160 -16.44 3.85 12.45
CA MET B 160 -16.01 4.53 11.24
C MET B 160 -17.07 4.50 10.16
N GLY B 161 -18.28 4.04 10.47
CA GLY B 161 -19.30 3.89 9.45
C GLY B 161 -19.13 2.70 8.55
N GLN B 162 -18.27 1.74 8.92
CA GLN B 162 -17.93 0.62 8.06
C GLN B 162 -18.70 -0.64 8.42
N ARG B 163 -18.98 -1.45 7.39
CA ARG B 163 -19.60 -2.77 7.54
C ARG B 163 -18.72 -3.92 7.07
N GLY B 164 -17.77 -3.69 6.18
CA GLY B 164 -16.90 -4.75 5.74
C GLY B 164 -15.82 -4.21 4.81
N VAL B 165 -14.93 -5.10 4.42
CA VAL B 165 -13.90 -4.76 3.44
C VAL B 165 -13.66 -5.97 2.55
N ILE B 166 -13.49 -5.71 1.26
CA ILE B 166 -13.17 -6.72 0.26
C ILE B 166 -11.76 -6.45 -0.21
N ILE B 167 -10.89 -7.43 -0.09
CA ILE B 167 -9.50 -7.32 -0.53
C ILE B 167 -9.28 -8.31 -1.67
N ASN B 168 -8.99 -7.79 -2.86
CA ASN B 168 -8.78 -8.60 -4.06
C ASN B 168 -7.30 -8.79 -4.34
N THR B 169 -6.96 -9.94 -4.90
CA THR B 169 -5.57 -10.25 -5.22
C THR B 169 -5.44 -10.21 -6.73
N ALA B 170 -4.81 -9.17 -7.23
CA ALA B 170 -4.55 -9.07 -8.66
C ALA B 170 -3.16 -9.65 -8.90
N SER B 171 -2.27 -8.89 -9.54
CA SER B 171 -0.94 -9.35 -9.88
C SER B 171 -0.24 -8.23 -10.60
N ILE B 172 1.09 -8.11 -10.48
CA ILE B 172 1.75 -7.11 -11.30
C ILE B 172 1.64 -7.47 -12.78
N ALA B 173 1.27 -8.72 -13.10
CA ALA B 173 0.95 -9.06 -14.48
C ALA B 173 -0.15 -8.18 -15.04
N ALA B 174 -0.97 -7.56 -14.18
CA ALA B 174 -1.93 -6.59 -14.69
C ALA B 174 -1.25 -5.38 -15.30
N PHE B 175 0.01 -5.12 -14.96
CA PHE B 175 0.78 -3.98 -15.47
C PHE B 175 1.99 -4.38 -16.31
N ASP B 176 2.66 -5.48 -15.97
CA ASP B 176 3.91 -5.90 -16.60
C ASP B 176 3.76 -7.20 -17.38
N GLY B 177 2.59 -7.48 -17.94
CA GLY B 177 2.34 -8.80 -18.50
C GLY B 177 3.38 -9.25 -19.49
N GLN B 178 3.91 -10.45 -19.31
CA GLN B 178 4.97 -10.96 -20.17
C GLN B 178 4.40 -11.78 -21.31
N ALA B 179 5.27 -12.11 -22.27
CA ALA B 179 4.92 -13.05 -23.32
C ALA B 179 4.34 -14.31 -22.70
N GLY B 180 3.25 -14.80 -23.30
CA GLY B 180 2.58 -15.98 -22.82
C GLY B 180 1.51 -15.74 -21.78
N GLN B 181 1.44 -14.55 -21.20
CA GLN B 181 0.56 -14.24 -20.08
C GLN B 181 -0.68 -13.43 -20.46
N SER B 182 -1.02 -13.31 -21.75
CA SER B 182 -2.10 -12.38 -22.11
C SER B 182 -3.41 -12.72 -21.39
N ALA B 183 -3.74 -14.01 -21.28
CA ALA B 183 -5.00 -14.36 -20.62
C ALA B 183 -4.92 -14.07 -19.13
N TYR B 184 -3.82 -14.47 -18.49
CA TYR B 184 -3.63 -14.19 -17.08
C TYR B 184 -3.61 -12.68 -16.81
N SER B 185 -2.87 -11.93 -17.64
CA SER B 185 -2.79 -10.48 -17.43
C SER B 185 -4.14 -9.82 -17.64
N ALA B 186 -4.94 -10.33 -18.59
CA ALA B 186 -6.29 -9.82 -18.76
C ALA B 186 -7.13 -10.04 -17.52
N SER B 187 -7.08 -11.25 -16.94
CA SER B 187 -7.89 -11.48 -15.74
C SER B 187 -7.43 -10.57 -14.61
N LYS B 188 -6.11 -10.32 -14.52
CA LYS B 188 -5.63 -9.50 -13.42
C LYS B 188 -5.88 -8.03 -13.67
N GLY B 189 -5.81 -7.60 -14.93
CA GLY B 189 -6.23 -6.24 -15.26
C GLY B 189 -7.70 -6.01 -15.00
N ALA B 190 -8.53 -7.06 -15.16
CA ALA B 190 -9.95 -6.95 -14.83
C ALA B 190 -10.14 -6.69 -13.34
N ILE B 191 -9.34 -7.33 -12.50
CA ILE B 191 -9.46 -7.12 -11.07
C ILE B 191 -9.01 -5.72 -10.69
N VAL B 192 -7.94 -5.22 -11.32
CA VAL B 192 -7.55 -3.81 -11.17
C VAL B 192 -8.73 -2.91 -11.52
N GLY B 193 -9.33 -3.13 -12.70
CA GLY B 193 -10.38 -2.23 -13.16
C GLY B 193 -11.63 -2.23 -12.30
N MET B 194 -11.93 -3.34 -11.64
CA MET B 194 -13.14 -3.40 -10.83
C MET B 194 -12.99 -2.70 -9.48
N THR B 195 -11.76 -2.39 -9.07
CA THR B 195 -11.51 -1.97 -7.69
C THR B 195 -12.22 -0.65 -7.39
N LEU B 196 -11.95 0.37 -8.20
CA LEU B 196 -12.51 1.69 -7.90
C LEU B 196 -14.02 1.72 -8.06
N PRO B 197 -14.64 1.22 -9.13
CA PRO B 197 -16.11 1.27 -9.19
C PRO B 197 -16.78 0.53 -8.06
N LEU B 198 -16.22 -0.61 -7.64
CA LEU B 198 -16.80 -1.31 -6.50
C LEU B 198 -16.66 -0.50 -5.22
N ALA B 199 -15.50 0.13 -5.01
CA ALA B 199 -15.38 1.01 -3.86
C ALA B 199 -16.42 2.12 -3.92
N ARG B 200 -16.70 2.63 -5.13
CA ARG B 200 -17.70 3.68 -5.28
C ARG B 200 -19.11 3.14 -5.06
N ASP B 201 -19.40 1.94 -5.59
CA ASP B 201 -20.69 1.29 -5.36
C ASP B 201 -21.03 1.26 -3.88
N PHE B 202 -20.08 0.80 -3.08
CA PHE B 202 -20.33 0.51 -1.68
C PHE B 202 -19.90 1.65 -0.75
N ALA B 203 -19.55 2.81 -1.29
CA ALA B 203 -19.01 3.89 -0.46
C ALA B 203 -19.91 4.22 0.71
N ASP B 204 -21.18 4.45 0.45
CA ASP B 204 -22.10 4.87 1.50
C ASP B 204 -22.76 3.71 2.21
N ASP B 205 -22.44 2.48 1.80
CA ASP B 205 -22.75 1.28 2.55
C ASP B 205 -21.65 0.89 3.51
N GLY B 206 -20.51 1.57 3.45
CA GLY B 206 -19.41 1.29 4.36
C GLY B 206 -18.64 0.03 4.04
N ILE B 207 -18.51 -0.33 2.77
CA ILE B 207 -17.73 -1.49 2.37
C ILE B 207 -16.56 -1.03 1.52
N ARG B 208 -15.34 -1.13 2.03
CA ARG B 208 -14.20 -0.75 1.20
C ARG B 208 -13.80 -1.89 0.28
N VAL B 209 -13.11 -1.53 -0.79
CA VAL B 209 -12.58 -2.48 -1.76
C VAL B 209 -11.16 -2.04 -2.09
N VAL B 210 -10.20 -2.90 -1.81
CA VAL B 210 -8.78 -2.62 -2.07
C VAL B 210 -8.19 -3.84 -2.74
N THR B 211 -7.20 -3.62 -3.59
CA THR B 211 -6.56 -4.70 -4.32
C THR B 211 -5.06 -4.68 -4.07
N ILE B 212 -4.48 -5.88 -3.90
CA ILE B 212 -3.04 -6.07 -3.79
C ILE B 212 -2.56 -6.70 -5.09
N ALA B 213 -1.47 -6.18 -5.65
CA ALA B 213 -0.84 -6.76 -6.83
C ALA B 213 0.50 -7.36 -6.44
N PRO B 214 0.55 -8.64 -6.08
CA PRO B 214 1.83 -9.25 -5.72
C PRO B 214 2.72 -9.41 -6.93
N GLY B 215 4.03 -9.28 -6.68
CA GLY B 215 5.02 -9.75 -7.63
C GLY B 215 5.16 -11.26 -7.55
N ILE B 216 6.37 -11.78 -7.50
CA ILE B 216 6.58 -13.22 -7.49
C ILE B 216 6.75 -13.68 -6.04
N PHE B 217 5.90 -14.61 -5.62
CA PHE B 217 5.89 -15.12 -4.26
C PHE B 217 6.11 -16.63 -4.30
N ASP B 218 6.74 -17.13 -3.24
CA ASP B 218 7.15 -18.54 -3.15
C ASP B 218 5.93 -19.36 -2.69
N THR B 219 5.15 -19.84 -3.67
CA THR B 219 3.92 -20.58 -3.44
C THR B 219 3.85 -21.79 -4.37
N PRO B 220 2.95 -22.73 -4.11
CA PRO B 220 2.76 -23.85 -5.05
C PRO B 220 2.54 -23.43 -6.50
N MET B 221 1.95 -22.26 -6.76
CA MET B 221 1.81 -21.78 -8.13
C MET B 221 3.15 -21.74 -8.86
N MET B 222 4.25 -21.62 -8.14
CA MET B 222 5.59 -21.48 -8.76
C MET B 222 6.42 -22.72 -8.51
N ALA B 223 5.81 -23.81 -8.05
CA ALA B 223 6.58 -25.02 -7.66
C ALA B 223 6.94 -25.88 -8.87
N SER B 224 6.29 -25.68 -10.02
CA SER B 224 6.66 -26.48 -11.22
C SER B 224 8.02 -26.04 -11.72
N PHE B 225 8.36 -24.77 -11.55
CA PHE B 225 9.65 -24.23 -12.06
C PHE B 225 10.86 -24.92 -11.44
N PRO B 226 11.80 -25.28 -12.30
CA PRO B 226 13.05 -25.89 -11.89
C PRO B 226 14.00 -24.83 -11.33
N ASP B 227 15.06 -25.26 -10.67
CA ASP B 227 16.03 -24.34 -10.03
C ASP B 227 16.56 -23.28 -11.02
N LYS B 228 16.86 -23.65 -12.27
CA LYS B 228 17.39 -22.63 -13.23
C LYS B 228 16.36 -21.51 -13.41
N VAL B 229 15.09 -21.86 -13.58
CA VAL B 229 14.06 -20.81 -13.79
C VAL B 229 13.87 -20.01 -12.50
N ARG B 230 13.85 -20.67 -11.35
CA ARG B 230 13.70 -19.94 -10.08
C ARG B 230 14.84 -18.92 -9.95
N ASN B 231 16.08 -19.35 -10.18
CA ASN B 231 17.21 -18.44 -10.05
C ASN B 231 17.08 -17.27 -11.01
N PHE B 232 16.56 -17.53 -12.21
CA PHE B 232 16.38 -16.44 -13.16
C PHE B 232 15.33 -15.44 -12.68
N LEU B 233 14.21 -15.94 -12.14
CA LEU B 233 13.17 -15.05 -11.63
C LEU B 233 13.64 -14.26 -10.42
N ILE B 234 14.42 -14.87 -9.54
CA ILE B 234 14.95 -14.15 -8.39
C ILE B 234 15.90 -13.05 -8.86
N GLY B 235 16.72 -13.34 -9.87
CA GLY B 235 17.63 -12.34 -10.39
C GLY B 235 16.92 -11.08 -10.85
N LEU B 236 15.66 -11.20 -11.26
CA LEU B 236 14.93 -10.04 -11.75
C LEU B 236 14.43 -9.13 -10.64
N VAL B 237 14.27 -9.64 -9.42
CA VAL B 237 13.68 -8.84 -8.35
C VAL B 237 14.78 -7.91 -7.84
N PRO B 238 14.61 -6.58 -7.94
CA PRO B 238 15.67 -5.69 -7.47
C PRO B 238 15.98 -5.89 -6.00
N ASN B 239 14.99 -5.74 -5.11
CA ASN B 239 15.29 -5.68 -3.68
C ASN B 239 14.00 -5.66 -2.84
N PRO B 240 13.86 -6.57 -1.86
CA PRO B 240 14.75 -7.67 -1.48
C PRO B 240 14.92 -8.70 -2.61
N LYS B 241 16.13 -9.22 -2.81
CA LYS B 241 16.38 -10.06 -3.99
C LYS B 241 16.00 -11.49 -3.65
N ARG B 242 14.70 -11.75 -3.72
CA ARG B 242 14.11 -13.03 -3.38
C ARG B 242 12.66 -12.97 -3.79
N PHE B 243 12.02 -14.14 -3.83
CA PHE B 243 10.57 -14.17 -3.89
C PHE B 243 10.00 -13.58 -2.61
N GLY B 244 8.81 -12.98 -2.72
CA GLY B 244 8.07 -12.63 -1.51
C GLY B 244 7.67 -13.88 -0.74
N VAL B 245 7.46 -13.72 0.57
CA VAL B 245 7.00 -14.85 1.37
C VAL B 245 5.54 -14.62 1.75
N PRO B 246 4.71 -15.67 1.83
CA PRO B 246 3.27 -15.47 2.06
C PRO B 246 2.93 -14.59 3.25
N GLU B 247 3.77 -14.59 4.29
CA GLU B 247 3.48 -13.76 5.46
C GLU B 247 3.47 -12.29 5.12
N GLU B 248 4.30 -11.87 4.16
CA GLU B 248 4.35 -10.45 3.79
C GLU B 248 3.09 -10.03 3.06
N TYR B 249 2.53 -10.93 2.24
CA TYR B 249 1.21 -10.67 1.66
C TYR B 249 0.15 -10.63 2.75
N GLY B 250 0.18 -11.61 3.66
CA GLY B 250 -0.77 -11.61 4.76
C GLY B 250 -0.70 -10.35 5.61
N ALA B 251 0.51 -9.83 5.82
CA ALA B 251 0.64 -8.63 6.66
C ALA B 251 0.04 -7.42 5.98
N LEU B 252 0.19 -7.33 4.65
CA LEU B 252 -0.41 -6.22 3.92
C LEU B 252 -1.92 -6.34 3.91
N VAL B 253 -2.43 -7.56 3.70
CA VAL B 253 -3.86 -7.79 3.88
C VAL B 253 -4.32 -7.27 5.24
N ARG B 254 -3.57 -7.61 6.30
CA ARG B 254 -3.97 -7.18 7.63
C ARG B 254 -3.91 -5.66 7.75
N HIS B 255 -2.91 -5.03 7.15
CA HIS B 255 -2.83 -3.58 7.29
C HIS B 255 -4.02 -2.91 6.59
N ILE B 256 -4.46 -3.45 5.46
CA ILE B 256 -5.64 -2.91 4.79
C ILE B 256 -6.85 -3.05 5.69
N ILE B 257 -6.96 -4.18 6.39
CA ILE B 257 -8.07 -4.39 7.31
C ILE B 257 -8.06 -3.35 8.42
N GLU B 258 -6.87 -2.97 8.89
CA GLU B 258 -6.77 -2.13 10.09
C GLU B 258 -6.79 -0.63 9.83
N ASN B 259 -6.26 -0.10 8.71
CA ASN B 259 -6.45 1.34 8.56
C ASN B 259 -7.42 1.61 7.43
N ARG B 260 -8.53 2.18 7.84
CA ARG B 260 -9.73 2.35 7.01
C ARG B 260 -9.57 3.37 5.90
N TYR B 261 -8.51 4.17 5.90
CA TYR B 261 -8.42 5.15 4.83
C TYR B 261 -7.87 4.57 3.54
N LEU B 262 -7.38 3.32 3.54
CA LEU B 262 -7.06 2.63 2.29
C LEU B 262 -8.36 2.18 1.62
N ASN B 263 -8.61 2.68 0.41
CA ASN B 263 -9.81 2.28 -0.32
C ASN B 263 -9.65 2.64 -1.79
N GLY B 264 -10.17 1.78 -2.68
CA GLY B 264 -10.18 2.07 -4.10
C GLY B 264 -8.82 2.06 -4.77
N GLU B 265 -7.82 1.43 -4.14
CA GLU B 265 -6.45 1.48 -4.63
C GLU B 265 -5.94 0.07 -4.90
N VAL B 266 -4.97 -0.02 -5.81
CA VAL B 266 -4.21 -1.25 -6.07
C VAL B 266 -2.79 -1.02 -5.55
N ILE B 267 -2.29 -1.95 -4.74
CA ILE B 267 -0.98 -1.82 -4.09
C ILE B 267 -0.06 -2.89 -4.62
N ARG B 268 1.02 -2.47 -5.30
CA ARG B 268 2.02 -3.42 -5.77
C ARG B 268 2.91 -3.87 -4.60
N LEU B 269 3.09 -5.19 -4.48
CA LEU B 269 3.88 -5.81 -3.41
C LEU B 269 4.88 -6.73 -4.12
N ASP B 270 6.07 -6.23 -4.43
CA ASP B 270 6.85 -6.93 -5.46
C ASP B 270 8.35 -6.72 -5.39
N GLY B 271 8.85 -6.12 -4.32
CA GLY B 271 10.29 -5.87 -4.25
C GLY B 271 10.82 -5.03 -5.39
N ALA B 272 10.01 -4.13 -5.95
CA ALA B 272 10.32 -3.26 -7.07
C ALA B 272 10.47 -4.01 -8.39
N LEU B 273 10.01 -5.26 -8.47
CA LEU B 273 10.07 -6.00 -9.72
C LEU B 273 9.22 -5.32 -10.79
N ARG B 274 9.77 -5.26 -12.00
CA ARG B 274 9.02 -4.97 -13.21
C ARG B 274 9.28 -6.13 -14.16
N MET B 275 8.26 -6.91 -14.46
CA MET B 275 8.43 -8.11 -15.27
C MET B 275 8.88 -7.74 -16.68
N PRO B 276 10.02 -8.23 -17.16
CA PRO B 276 10.57 -7.75 -18.42
C PRO B 276 9.97 -8.46 -19.62
N ALA B 277 10.23 -7.87 -20.78
CA ALA B 277 9.97 -8.53 -22.06
C ALA B 277 10.72 -9.87 -22.13
PA NAD C . 1.83 20.82 7.08
O1A NAD C . 0.97 20.45 8.21
O2A NAD C . 1.84 22.19 6.61
O5B NAD C . 3.30 20.32 7.37
C5B NAD C . 4.39 20.60 6.46
C4B NAD C . 5.63 20.90 7.24
O4B NAD C . 6.76 21.06 6.35
C3B NAD C . 5.59 22.19 8.09
O3B NAD C . 5.69 21.89 9.46
C2B NAD C . 6.76 23.01 7.56
O2B NAD C . 7.49 23.72 8.54
C1B NAD C . 7.66 21.96 6.93
N9A NAD C . 8.53 22.54 5.92
C8A NAD C . 8.17 23.43 4.95
N7A NAD C . 9.16 23.87 4.23
C5A NAD C . 10.27 23.26 4.78
C6A NAD C . 11.65 23.33 4.50
N6A NAD C . 12.17 24.07 3.55
N1A NAD C . 12.50 22.60 5.27
C2A NAD C . 11.99 21.85 6.25
N3A NAD C . 10.72 21.72 6.60
C4A NAD C . 9.89 22.45 5.84
O3 NAD C . 1.43 19.90 5.87
PN NAD C . 1.18 18.35 5.72
O1N NAD C . -0.25 18.15 5.41
O2N NAD C . 1.72 17.62 6.88
O5D NAD C . 2.04 18.00 4.44
C5D NAD C . 2.97 16.92 4.48
C4D NAD C . 3.17 16.34 3.10
O4D NAD C . 1.94 15.75 2.66
C3D NAD C . 3.58 17.33 2.01
O3D NAD C . 4.67 16.84 1.24
C2D NAD C . 2.27 17.48 1.23
O2D NAD C . 2.46 17.91 -0.10
C1D NAD C . 1.70 16.08 1.33
N1N NAD C . 0.23 16.02 1.12
C2N NAD C . -0.63 16.51 2.05
C3N NAD C . -1.99 16.23 1.92
C7N NAD C . -2.97 16.83 2.89
O7N NAD C . -4.16 16.83 2.63
N7N NAD C . -2.47 17.33 4.01
C4N NAD C . -2.40 15.44 0.89
C5N NAD C . -1.58 15.29 -0.18
C6N NAD C . -0.24 15.49 0.00
PA NAD D . -1.78 -21.26 -5.19
O1A NAD D . -1.85 -22.16 -6.34
O2A NAD D . -0.80 -21.52 -4.14
O5B NAD D . -3.20 -21.12 -4.53
C5B NAD D . -4.37 -20.99 -5.32
C4B NAD D . -5.51 -21.63 -4.58
O4B NAD D . -6.74 -21.37 -5.29
C3B NAD D . -5.41 -23.16 -4.46
O3B NAD D . -5.49 -23.58 -3.12
C2B NAD D . -6.60 -23.67 -5.30
O2B NAD D . -7.20 -24.84 -4.82
C1B NAD D . -7.55 -22.49 -5.19
N9A NAD D . -8.55 -22.50 -6.24
C8A NAD D . -8.34 -22.70 -7.57
N7A NAD D . -9.44 -22.71 -8.27
C5A NAD D . -10.44 -22.54 -7.34
C6A NAD D . -11.84 -22.49 -7.44
N6A NAD D . -12.49 -22.62 -8.58
N1A NAD D . -12.56 -22.32 -6.31
C2A NAD D . -11.90 -22.21 -5.15
N3A NAD D . -10.59 -22.24 -4.95
C4A NAD D . -9.90 -22.41 -6.08
O3 NAD D . -1.52 -19.77 -5.70
PN NAD D . -1.05 -18.48 -4.90
O1N NAD D . 0.37 -18.27 -5.15
O2N NAD D . -1.50 -18.54 -3.51
O5D NAD D . -1.87 -17.36 -5.64
C5D NAD D . -2.95 -16.72 -4.98
C4D NAD D . -3.41 -15.54 -5.81
O4D NAD D . -2.29 -14.67 -6.00
C3D NAD D . -3.92 -15.90 -7.20
O3D NAD D . -5.07 -15.15 -7.50
C2D NAD D . -2.73 -15.50 -8.08
O2D NAD D . -3.14 -15.16 -9.38
C1D NAD D . -2.20 -14.30 -7.35
N1N NAD D . -0.77 -14.01 -7.64
C2N NAD D . 0.19 -14.94 -7.40
C3N NAD D . 1.52 -14.61 -7.51
C7N NAD D . 2.54 -15.57 -6.98
O7N NAD D . 3.71 -15.46 -7.29
N7N NAD D . 2.09 -16.53 -6.18
C4N NAD D . 1.85 -13.41 -8.11
C5N NAD D . 0.87 -12.55 -8.46
C6N NAD D . -0.42 -12.81 -8.09
#